data_7Q7E
#
_entry.id   7Q7E
#
_cell.length_a   84.240
_cell.length_b   84.240
_cell.length_c   117.260
_cell.angle_alpha   90.000
_cell.angle_beta   90.000
_cell.angle_gamma   90.000
#
_symmetry.space_group_name_H-M   'P 41 2 2'
#
loop_
_entity.id
_entity.type
_entity.pdbx_description
1 polymer 'Serine/threonine-protein kinase 17B'
2 non-polymer "ADENOSINE-5'-TRIPHOSPHATE"
3 non-polymer 'MAGNESIUM ION'
4 water water
#
_entity_poly.entity_id   1
_entity_poly.type   'polypeptide(L)'
_entity_poly.pdbx_seq_one_letter_code
;MHHHHHHSSGVDLGTENLYFQSMENFNNFYILTSKELGRGKFAVVRQCISKSTGQEYAAKFLKKRRRGQDCRAEILHEIA
VLELAKSCPRVINLHEVYENTSEIILILEYAAGGEIFSLCLPELAEMVSENDVIRLIKQILEGVYYLHQNNIVHLDLKPQ
NILLSSIYPLGDIKIVDFGMSRKIGHACELREIMGTPEYLAPEILNYDPITTATDMWNIGIIAYMLLTHTSPFVGEDNQE
TYLNISQVNVDYSEETFSSVSQLATDFIQSLLVKNPEKRPTAEICLSHSWLQQWDFENLFHPEETSSSSQTQDHSVRSSE
DKTSKSS
;
_entity_poly.pdbx_strand_id   A
#
# COMPACT_ATOMS: atom_id res chain seq x y z
N GLU A 16 30.10 -11.01 -10.65
CA GLU A 16 28.84 -10.30 -10.80
C GLU A 16 29.09 -8.89 -11.33
N ASN A 17 28.35 -8.52 -12.38
CA ASN A 17 28.48 -7.22 -13.01
C ASN A 17 27.27 -6.35 -12.69
N LEU A 18 27.45 -5.04 -12.81
CA LEU A 18 26.42 -4.09 -12.46
C LEU A 18 25.66 -3.64 -13.70
N TYR A 19 24.33 -3.50 -13.53
CA TYR A 19 23.45 -3.08 -14.62
C TYR A 19 23.12 -1.59 -14.58
N PHE A 20 22.79 -1.07 -13.40
CA PHE A 20 22.30 0.30 -13.28
C PHE A 20 23.45 1.26 -13.01
N GLN A 21 23.11 2.55 -12.91
CA GLN A 21 24.10 3.60 -12.78
C GLN A 21 25.06 3.33 -11.63
N SER A 22 26.28 3.83 -11.79
CA SER A 22 27.34 3.58 -10.81
C SER A 22 27.06 4.31 -9.50
N MET A 23 27.57 3.75 -8.42
CA MET A 23 27.43 4.38 -7.11
C MET A 23 28.22 5.67 -7.02
N GLU A 24 29.32 5.78 -7.75
CA GLU A 24 30.05 7.04 -7.82
C GLU A 24 29.14 8.17 -8.31
N ASN A 25 28.23 7.86 -9.23
CA ASN A 25 27.30 8.88 -9.72
C ASN A 25 26.31 9.29 -8.63
N PHE A 26 25.77 8.31 -7.90
CA PHE A 26 24.80 8.63 -6.84
C PHE A 26 25.40 9.60 -5.83
N ASN A 27 26.62 9.31 -5.35
CA ASN A 27 27.30 10.21 -4.44
C ASN A 27 27.63 11.55 -5.09
N ASN A 28 27.73 11.58 -6.43
CA ASN A 28 28.04 12.82 -7.12
C ASN A 28 26.82 13.73 -7.23
N PHE A 29 25.63 13.16 -7.46
CA PHE A 29 24.44 13.96 -7.71
C PHE A 29 23.54 14.11 -6.49
N TYR A 30 23.64 13.22 -5.51
CA TYR A 30 22.76 13.24 -4.35
C TYR A 30 23.56 13.27 -3.06
N ILE A 31 22.92 13.75 -2.00
CA ILE A 31 23.49 13.77 -0.67
C ILE A 31 22.46 13.15 0.27
N LEU A 32 22.86 12.11 0.99
CA LEU A 32 21.97 11.50 1.96
C LEU A 32 21.84 12.40 3.18
N THR A 33 20.73 12.24 3.90
CA THR A 33 20.49 12.97 5.12
C THR A 33 20.31 11.98 6.28
N SER A 34 20.31 12.53 7.48
CA SER A 34 20.07 11.73 8.69
C SER A 34 18.65 11.20 8.77
N LYS A 35 17.74 11.69 7.93
CA LYS A 35 16.33 11.31 8.01
C LYS A 35 16.13 9.92 7.42
N GLU A 36 15.67 9.00 8.26
CA GLU A 36 15.35 7.64 7.85
C GLU A 36 13.84 7.49 7.82
N LEU A 37 13.29 7.16 6.66
CA LEU A 37 11.85 7.08 6.48
C LEU A 37 11.28 5.70 6.79
N GLY A 38 12.04 4.64 6.51
CA GLY A 38 11.59 3.30 6.78
C GLY A 38 12.74 2.30 6.74
N ARG A 39 12.76 1.35 7.66
CA ARG A 39 13.78 0.32 7.70
C ARG A 39 13.09 -1.03 7.84
N GLY A 40 13.19 -1.86 6.80
CA GLY A 40 12.76 -3.22 6.84
C GLY A 40 13.91 -4.19 7.05
N LYS A 41 13.66 -5.46 6.79
CA LYS A 41 14.69 -6.48 7.01
C LYS A 41 15.75 -6.42 5.92
N PHE A 42 15.34 -6.20 4.66
CA PHE A 42 16.26 -6.17 3.54
C PHE A 42 16.18 -4.87 2.74
N ALA A 43 15.53 -3.84 3.30
CA ALA A 43 15.40 -2.56 2.61
C ALA A 43 15.45 -1.43 3.63
N VAL A 44 16.00 -0.31 3.21
CA VAL A 44 16.09 0.90 4.03
C VAL A 44 15.74 2.08 3.14
N VAL A 45 14.91 2.98 3.64
CA VAL A 45 14.49 4.16 2.90
C VAL A 45 15.04 5.39 3.63
N ARG A 46 16.00 6.06 3.00
CA ARG A 46 16.56 7.30 3.51
C ARG A 46 16.16 8.47 2.61
N GLN A 47 16.03 9.64 3.21
CA GLN A 47 15.78 10.86 2.45
C GLN A 47 17.08 11.35 1.84
N CYS A 48 17.00 11.89 0.63
CA CYS A 48 18.16 12.46 -0.04
C CYS A 48 17.74 13.72 -0.79
N ILE A 49 18.73 14.59 -1.03
CA ILE A 49 18.52 15.86 -1.73
C ILE A 49 19.37 15.86 -2.99
N SER A 50 18.80 16.35 -4.08
CA SER A 50 19.53 16.50 -5.32
C SER A 50 20.46 17.71 -5.23
N LYS A 51 21.74 17.49 -5.50
CA LYS A 51 22.69 18.61 -5.53
C LYS A 51 22.38 19.55 -6.69
N SER A 52 21.94 19.00 -7.83
CA SER A 52 21.65 19.83 -8.99
C SER A 52 20.53 20.82 -8.69
N THR A 53 19.36 20.33 -8.26
CA THR A 53 18.18 21.16 -8.13
C THR A 53 17.76 21.44 -6.70
N GLY A 54 18.17 20.63 -5.74
CA GLY A 54 17.73 20.78 -4.37
C GLY A 54 16.45 20.06 -4.02
N GLN A 55 15.82 19.39 -4.99
CA GLN A 55 14.59 18.66 -4.76
C GLN A 55 14.82 17.49 -3.80
N GLU A 56 13.80 17.19 -3.00
CA GLU A 56 13.87 16.09 -2.05
C GLU A 56 13.32 14.82 -2.70
N TYR A 57 14.02 13.71 -2.47
CA TYR A 57 13.61 12.41 -2.99
C TYR A 57 13.72 11.37 -1.88
N ALA A 58 13.14 10.20 -2.12
CA ALA A 58 13.25 9.06 -1.23
C ALA A 58 14.10 7.99 -1.90
N ALA A 59 15.10 7.48 -1.20
CA ALA A 59 16.00 6.47 -1.72
C ALA A 59 15.75 5.15 -1.01
N LYS A 60 15.31 4.15 -1.77
CA LYS A 60 15.04 2.82 -1.24
C LYS A 60 16.24 1.93 -1.57
N PHE A 61 16.95 1.49 -0.54
CA PHE A 61 18.08 0.60 -0.70
C PHE A 61 17.59 -0.84 -0.54
N LEU A 62 17.78 -1.66 -1.57
CA LEU A 62 17.29 -3.04 -1.58
C LEU A 62 18.47 -3.99 -1.69
N LYS A 63 18.71 -4.76 -0.63
CA LYS A 63 19.75 -5.78 -0.66
C LYS A 63 19.41 -6.84 -1.69
N LYS A 64 20.40 -7.20 -2.51
CA LYS A 64 20.17 -8.17 -3.58
C LYS A 64 20.20 -9.61 -3.07
N ARG A 65 21.02 -9.90 -2.06
CA ARG A 65 21.07 -11.22 -1.46
C ARG A 65 20.16 -11.24 -0.24
N ARG A 66 19.23 -12.20 -0.22
CA ARG A 66 18.29 -12.35 0.89
C ARG A 66 18.22 -13.82 1.26
N ARG A 67 18.50 -14.14 2.52
CA ARG A 67 18.37 -15.49 3.04
C ARG A 67 19.21 -16.49 2.23
N GLY A 68 20.30 -16.00 1.64
CA GLY A 68 21.19 -16.83 0.85
C GLY A 68 20.83 -16.97 -0.61
N GLN A 69 19.81 -16.26 -1.08
CA GLN A 69 19.34 -16.37 -2.46
C GLN A 69 19.59 -15.05 -3.17
N ASP A 70 19.91 -15.13 -4.46
CA ASP A 70 20.00 -13.95 -5.30
C ASP A 70 18.60 -13.47 -5.64
N CYS A 71 18.34 -12.18 -5.41
CA CYS A 71 17.01 -11.61 -5.63
C CYS A 71 17.03 -10.44 -6.60
N ARG A 72 18.11 -10.23 -7.34
CA ARG A 72 18.15 -9.18 -8.33
C ARG A 72 16.95 -9.25 -9.27
N ALA A 73 16.54 -10.47 -9.62
CA ALA A 73 15.38 -10.64 -10.50
C ALA A 73 14.12 -10.10 -9.86
N GLU A 74 13.91 -10.37 -8.57
CA GLU A 74 12.74 -9.82 -7.88
C GLU A 74 12.75 -8.30 -7.92
N ILE A 75 13.91 -7.69 -7.70
CA ILE A 75 14.00 -6.23 -7.70
C ILE A 75 13.71 -5.69 -9.10
N LEU A 76 14.21 -6.38 -10.13
CA LEU A 76 13.93 -5.95 -11.50
C LEU A 76 12.44 -5.99 -11.79
N HIS A 77 11.73 -6.99 -11.27
CA HIS A 77 10.29 -7.04 -11.40
C HIS A 77 9.64 -5.81 -10.77
N GLU A 78 10.03 -5.47 -9.53
CA GLU A 78 9.46 -4.31 -8.87
C GLU A 78 9.69 -3.04 -9.67
N ILE A 79 10.86 -2.93 -10.32
CA ILE A 79 11.15 -1.74 -11.12
C ILE A 79 10.24 -1.70 -12.34
N ALA A 80 10.07 -2.83 -13.03
CA ALA A 80 9.21 -2.87 -14.21
C ALA A 80 7.81 -2.36 -13.87
N VAL A 81 7.22 -2.86 -12.78
CA VAL A 81 5.88 -2.46 -12.41
C VAL A 81 5.81 -0.97 -12.10
N LEU A 82 6.75 -0.48 -11.29
CA LEU A 82 6.86 0.96 -11.07
C LEU A 82 6.93 1.71 -12.39
N GLU A 83 7.75 1.22 -13.32
CA GLU A 83 7.84 1.83 -14.64
C GLU A 83 6.50 1.77 -15.37
N LEU A 84 5.76 0.68 -15.20
CA LEU A 84 4.52 0.49 -15.96
C LEU A 84 3.49 1.55 -15.59
N ALA A 85 3.38 1.88 -14.32
CA ALA A 85 2.39 2.85 -13.83
C ALA A 85 3.02 4.21 -13.58
N LYS A 86 3.93 4.66 -14.45
CA LYS A 86 4.53 5.97 -14.27
C LYS A 86 3.56 7.09 -14.66
N SER A 87 2.64 6.80 -15.58
CA SER A 87 1.63 7.78 -15.99
C SER A 87 0.53 7.96 -14.96
N CYS A 88 0.45 7.09 -13.95
CA CYS A 88 -0.62 7.16 -12.96
C CYS A 88 -0.18 8.02 -11.79
N PRO A 89 -0.88 9.12 -11.48
CA PRO A 89 -0.46 9.96 -10.34
C PRO A 89 -0.71 9.31 -8.99
N ARG A 90 -1.53 8.27 -8.93
CA ARG A 90 -1.83 7.59 -7.68
C ARG A 90 -0.76 6.59 -7.28
N VAL A 91 0.28 6.41 -8.10
CA VAL A 91 1.38 5.51 -7.81
C VAL A 91 2.66 6.32 -7.76
N ILE A 92 3.54 5.97 -6.81
CA ILE A 92 4.76 6.73 -6.61
C ILE A 92 5.64 6.62 -7.85
N ASN A 93 6.34 7.72 -8.16
CA ASN A 93 7.12 7.81 -9.39
C ASN A 93 8.57 7.40 -9.15
N LEU A 94 9.08 6.51 -9.99
CA LEU A 94 10.48 6.11 -9.98
C LEU A 94 11.29 7.11 -10.80
N HIS A 95 12.25 7.76 -10.16
CA HIS A 95 13.03 8.81 -10.82
C HIS A 95 14.30 8.25 -11.45
N GLU A 96 15.16 7.62 -10.64
CA GLU A 96 16.41 7.06 -11.11
C GLU A 96 16.69 5.76 -10.37
N VAL A 97 17.58 4.96 -10.94
CA VAL A 97 18.00 3.70 -10.33
C VAL A 97 19.52 3.65 -10.36
N TYR A 98 20.11 3.29 -9.22
CA TYR A 98 21.54 3.10 -9.09
C TYR A 98 21.78 1.71 -8.51
N GLU A 99 23.02 1.27 -8.54
CA GLU A 99 23.37 -0.05 -8.05
C GLU A 99 24.81 -0.05 -7.59
N ASN A 100 25.09 -0.76 -6.51
CA ASN A 100 26.45 -1.01 -6.06
C ASN A 100 26.59 -2.52 -5.87
N THR A 101 27.53 -2.93 -5.03
CA THR A 101 27.87 -4.34 -4.92
C THR A 101 26.70 -5.16 -4.38
N SER A 102 26.13 -4.74 -3.25
CA SER A 102 25.13 -5.53 -2.55
C SER A 102 23.73 -4.97 -2.66
N GLU A 103 23.55 -3.79 -3.24
CA GLU A 103 22.29 -3.07 -3.18
C GLU A 103 21.87 -2.56 -4.55
N ILE A 104 20.56 -2.39 -4.71
CA ILE A 104 19.97 -1.63 -5.80
C ILE A 104 19.22 -0.47 -5.18
N ILE A 105 19.44 0.74 -5.68
CA ILE A 105 18.95 1.95 -5.06
C ILE A 105 17.88 2.55 -5.95
N LEU A 106 16.68 2.73 -5.39
CA LEU A 106 15.56 3.33 -6.11
C LEU A 106 15.37 4.77 -5.64
N ILE A 107 15.55 5.72 -6.56
CA ILE A 107 15.28 7.12 -6.27
C ILE A 107 13.80 7.35 -6.57
N LEU A 108 12.99 7.40 -5.52
CA LEU A 108 11.54 7.51 -5.65
C LEU A 108 11.08 8.94 -5.35
N GLU A 109 9.86 9.23 -5.78
CA GLU A 109 9.20 10.47 -5.39
C GLU A 109 8.96 10.50 -3.89
N TYR A 110 9.15 11.67 -3.28
CA TYR A 110 9.05 11.84 -1.83
C TYR A 110 7.60 12.15 -1.45
N ALA A 111 7.07 11.36 -0.51
CA ALA A 111 5.73 11.57 0.03
C ALA A 111 5.90 12.29 1.36
N ALA A 112 5.59 13.59 1.38
CA ALA A 112 5.85 14.41 2.56
C ALA A 112 4.83 14.17 3.67
N GLY A 113 3.63 13.69 3.35
CA GLY A 113 2.62 13.47 4.37
C GLY A 113 2.81 12.22 5.18
N GLY A 114 3.59 11.27 4.68
CA GLY A 114 3.78 10.01 5.37
C GLY A 114 2.62 9.05 5.12
N GLU A 115 2.56 8.04 5.99
CA GLU A 115 1.57 6.98 5.83
C GLU A 115 0.19 7.46 6.25
N ILE A 116 -0.84 6.96 5.55
CA ILE A 116 -2.21 7.14 6.00
C ILE A 116 -2.46 6.43 7.32
N PHE A 117 -1.56 5.52 7.72
CA PHE A 117 -1.69 4.85 9.01
C PHE A 117 -1.73 5.88 10.14
N SER A 118 -1.12 7.05 9.94
CA SER A 118 -1.19 8.11 10.93
C SER A 118 -2.63 8.51 11.20
N LEU A 119 -3.44 8.61 10.14
CA LEU A 119 -4.82 9.06 10.28
C LEU A 119 -5.70 8.01 10.93
N CYS A 120 -5.33 6.73 10.83
CA CYS A 120 -6.12 5.67 11.41
C CYS A 120 -5.99 5.58 12.92
N LEU A 121 -5.11 6.37 13.53
CA LEU A 121 -4.95 6.36 14.97
C LEU A 121 -5.91 7.37 15.62
N PRO A 122 -6.33 7.13 16.86
CA PRO A 122 -7.24 8.09 17.51
C PRO A 122 -6.61 9.45 17.76
N GLU A 123 -5.28 9.55 17.75
CA GLU A 123 -4.64 10.83 18.05
C GLU A 123 -5.01 11.90 17.03
N LEU A 124 -5.14 11.52 15.75
CA LEU A 124 -5.50 12.43 14.69
C LEU A 124 -6.94 12.23 14.22
N ALA A 125 -7.78 11.67 15.07
CA ALA A 125 -9.14 11.32 14.66
C ALA A 125 -9.98 12.57 14.38
N GLU A 126 -9.79 13.62 15.16
CA GLU A 126 -10.66 14.79 15.07
C GLU A 126 -10.26 15.76 13.96
N MET A 127 -9.14 15.53 13.27
CA MET A 127 -8.72 16.41 12.20
C MET A 127 -9.09 15.89 10.81
N VAL A 128 -9.58 14.66 10.70
CA VAL A 128 -9.96 14.07 9.43
C VAL A 128 -11.44 13.75 9.48
N SER A 129 -12.19 14.26 8.51
CA SER A 129 -13.64 14.12 8.46
C SER A 129 -14.02 13.04 7.46
N GLU A 130 -15.33 12.76 7.36
CA GLU A 130 -15.81 11.78 6.40
C GLU A 130 -15.68 12.28 4.97
N ASN A 131 -15.78 13.60 4.77
CA ASN A 131 -15.58 14.17 3.45
C ASN A 131 -14.13 14.01 2.98
N ASP A 132 -13.19 13.85 3.91
CA ASP A 132 -11.80 13.58 3.56
C ASP A 132 -11.60 12.11 3.22
N VAL A 133 -12.16 11.22 4.06
CA VAL A 133 -12.04 9.78 3.80
C VAL A 133 -12.62 9.44 2.43
N ILE A 134 -13.74 10.07 2.06
CA ILE A 134 -14.33 9.81 0.76
C ILE A 134 -13.35 10.14 -0.35
N ARG A 135 -12.60 11.24 -0.22
CA ARG A 135 -11.67 11.62 -1.27
C ARG A 135 -10.48 10.67 -1.30
N LEU A 136 -9.89 10.39 -0.13
CA LEU A 136 -8.76 9.48 -0.08
C LEU A 136 -9.13 8.11 -0.64
N ILE A 137 -10.27 7.57 -0.23
CA ILE A 137 -10.69 6.27 -0.73
C ILE A 137 -10.99 6.33 -2.22
N LYS A 138 -11.49 7.47 -2.71
CA LYS A 138 -11.70 7.62 -4.15
C LYS A 138 -10.38 7.67 -4.91
N GLN A 139 -9.32 8.16 -4.27
CA GLN A 139 -8.00 8.14 -4.90
C GLN A 139 -7.36 6.76 -4.83
N ILE A 140 -7.55 6.04 -3.72
CA ILE A 140 -6.99 4.69 -3.62
C ILE A 140 -7.63 3.79 -4.67
N LEU A 141 -8.92 4.00 -4.97
CA LEU A 141 -9.58 3.19 -5.99
C LEU A 141 -9.05 3.51 -7.38
N GLU A 142 -8.85 4.79 -7.68
CA GLU A 142 -8.31 5.15 -8.99
C GLU A 142 -6.96 4.49 -9.24
N GLY A 143 -6.09 4.49 -8.21
CA GLY A 143 -4.81 3.83 -8.36
C GLY A 143 -4.94 2.34 -8.56
N VAL A 144 -5.77 1.69 -7.74
CA VAL A 144 -5.97 0.25 -7.85
C VAL A 144 -6.63 -0.10 -9.18
N TYR A 145 -7.55 0.74 -9.65
CA TYR A 145 -8.16 0.52 -10.97
C TYR A 145 -7.10 0.42 -12.05
N TYR A 146 -6.11 1.33 -12.02
CA TYR A 146 -5.05 1.30 -13.02
C TYR A 146 -4.25 0.00 -12.92
N LEU A 147 -3.85 -0.40 -11.72
CA LEU A 147 -3.08 -1.62 -11.56
C LEU A 147 -3.84 -2.82 -12.10
N HIS A 148 -5.15 -2.89 -11.85
CA HIS A 148 -5.94 -4.03 -12.31
C HIS A 148 -6.19 -3.98 -13.81
N GLN A 149 -6.30 -2.78 -14.38
CA GLN A 149 -6.37 -2.64 -15.83
C GLN A 149 -5.17 -3.29 -16.51
N ASN A 150 -4.07 -3.48 -15.79
CA ASN A 150 -2.83 -4.04 -16.35
C ASN A 150 -2.51 -5.43 -15.80
N ASN A 151 -3.50 -6.10 -15.20
CA ASN A 151 -3.30 -7.43 -14.63
C ASN A 151 -2.27 -7.43 -13.50
N ILE A 152 -2.34 -6.42 -12.64
CA ILE A 152 -1.39 -6.28 -11.54
C ILE A 152 -2.18 -6.23 -10.24
N VAL A 153 -1.90 -7.17 -9.33
CA VAL A 153 -2.45 -7.15 -7.99
C VAL A 153 -1.35 -6.71 -7.03
N HIS A 154 -1.68 -5.79 -6.13
CA HIS A 154 -0.68 -5.26 -5.20
C HIS A 154 -0.37 -6.26 -4.10
N LEU A 155 -1.41 -6.84 -3.50
CA LEU A 155 -1.33 -7.89 -2.49
C LEU A 155 -0.70 -7.44 -1.18
N ASP A 156 -0.56 -6.13 -0.96
CA ASP A 156 0.03 -5.64 0.28
C ASP A 156 -0.44 -4.22 0.56
N LEU A 157 -1.75 -4.00 0.41
CA LEU A 157 -2.33 -2.66 0.57
C LEU A 157 -2.69 -2.38 2.02
N LYS A 158 -1.76 -2.63 2.93
CA LYS A 158 -1.96 -2.18 4.30
C LYS A 158 -1.69 -0.68 4.40
N PRO A 159 -2.22 -0.01 5.42
CA PRO A 159 -2.06 1.46 5.50
C PRO A 159 -0.61 1.90 5.48
N GLN A 160 0.32 1.04 5.88
CA GLN A 160 1.73 1.41 5.88
C GLN A 160 2.27 1.64 4.47
N ASN A 161 1.65 1.05 3.45
CA ASN A 161 2.13 1.16 2.08
C ASN A 161 1.32 2.16 1.24
N ILE A 162 0.53 3.01 1.88
CA ILE A 162 -0.22 4.06 1.20
C ILE A 162 0.14 5.39 1.86
N LEU A 163 0.78 6.27 1.10
CA LEU A 163 1.34 7.50 1.63
C LEU A 163 0.53 8.71 1.15
N LEU A 164 0.85 9.87 1.72
CA LEU A 164 0.23 11.12 1.36
C LEU A 164 1.29 12.10 0.89
N SER A 165 0.96 12.91 -0.12
CA SER A 165 1.88 13.94 -0.58
C SER A 165 1.97 15.09 0.41
N SER A 166 0.93 15.27 1.23
CA SER A 166 0.89 16.34 2.22
C SER A 166 -0.07 15.93 3.31
N ILE A 167 0.09 16.55 4.47
CA ILE A 167 -0.83 16.32 5.59
C ILE A 167 -1.39 17.61 6.17
N TYR A 168 -0.72 18.75 5.98
CA TYR A 168 -1.26 20.06 6.34
C TYR A 168 -1.15 20.96 5.12
N PRO A 169 -2.22 21.06 4.30
CA PRO A 169 -3.49 20.36 4.40
C PRO A 169 -3.40 18.96 3.82
N LEU A 170 -4.47 18.20 3.90
CA LEU A 170 -4.46 16.84 3.38
C LEU A 170 -4.21 16.86 1.88
N GLY A 171 -3.25 16.05 1.44
CA GLY A 171 -2.87 15.96 0.06
C GLY A 171 -3.46 14.75 -0.63
N ASP A 172 -2.71 14.20 -1.57
CA ASP A 172 -3.14 13.07 -2.37
C ASP A 172 -2.35 11.82 -2.00
N ILE A 173 -2.95 10.67 -2.31
CA ILE A 173 -2.36 9.40 -1.92
C ILE A 173 -1.30 8.99 -2.93
N LYS A 174 -0.38 8.14 -2.48
CA LYS A 174 0.71 7.64 -3.33
C LYS A 174 1.00 6.22 -2.89
N ILE A 175 0.69 5.25 -3.74
CA ILE A 175 0.90 3.84 -3.43
C ILE A 175 2.38 3.49 -3.63
N VAL A 176 2.93 2.69 -2.72
CA VAL A 176 4.34 2.30 -2.74
C VAL A 176 4.44 0.81 -2.43
N ASP A 177 5.67 0.31 -2.44
CA ASP A 177 5.99 -1.06 -2.05
C ASP A 177 5.34 -2.08 -2.98
N PHE A 178 6.05 -2.46 -4.05
CA PHE A 178 5.58 -3.43 -5.01
C PHE A 178 6.37 -4.73 -4.97
N GLY A 179 6.95 -5.06 -3.81
CA GLY A 179 7.66 -6.31 -3.65
C GLY A 179 6.76 -7.53 -3.67
N MET A 180 5.47 -7.34 -3.48
CA MET A 180 4.49 -8.43 -3.49
C MET A 180 3.69 -8.50 -4.78
N SER A 181 3.99 -7.64 -5.76
CA SER A 181 3.19 -7.56 -6.97
C SER A 181 3.31 -8.84 -7.78
N ARG A 182 2.17 -9.39 -8.16
CA ARG A 182 2.11 -10.52 -9.08
C ARG A 182 1.16 -10.17 -10.23
N LYS A 183 0.79 -11.17 -11.01
CA LYS A 183 -0.19 -11.03 -12.08
C LYS A 183 -1.34 -12.01 -11.83
N ILE A 184 -2.56 -11.60 -12.21
CA ILE A 184 -3.76 -12.36 -11.85
C ILE A 184 -3.60 -13.82 -12.25
N GLY A 185 -4.10 -14.73 -11.39
CA GLY A 185 -4.02 -16.15 -11.64
C GLY A 185 -2.82 -16.84 -11.01
N HIS A 186 -1.83 -16.09 -10.56
CA HIS A 186 -0.63 -16.62 -9.93
C HIS A 186 -1.00 -17.43 -8.68
N ALA A 187 -0.12 -18.36 -8.31
CA ALA A 187 -0.34 -19.18 -7.13
C ALA A 187 -0.10 -18.38 -5.86
N CYS A 188 -0.60 -18.91 -4.73
CA CYS A 188 -0.39 -18.29 -3.42
C CYS A 188 0.89 -18.87 -2.82
N GLU A 189 2.01 -18.19 -3.08
CA GLU A 189 3.31 -18.62 -2.58
C GLU A 189 3.49 -18.19 -1.13
N LEU A 190 4.59 -18.66 -0.53
CA LEU A 190 4.78 -18.49 0.91
C LEU A 190 4.94 -17.02 1.29
N ARG A 191 5.51 -16.20 0.41
CA ARG A 191 5.73 -14.79 0.72
C ARG A 191 4.45 -14.12 1.21
N GLU A 192 3.33 -14.36 0.53
CA GLU A 192 2.08 -13.67 0.88
C GLU A 192 1.61 -14.06 2.28
N ILE A 193 1.54 -15.36 2.57
CA ILE A 193 1.00 -15.85 3.83
C ILE A 193 1.93 -15.59 5.01
N MET A 194 2.80 -14.58 4.87
CA MET A 194 3.72 -14.20 5.94
C MET A 194 3.54 -12.76 6.41
N GLY A 195 2.75 -11.94 5.73
CA GLY A 195 2.54 -10.57 6.16
C GLY A 195 1.80 -10.50 7.48
N THR A 196 1.67 -9.27 7.99
CA THR A 196 0.98 -9.05 9.25
C THR A 196 -0.38 -9.75 9.22
N PRO A 197 -0.64 -10.68 10.14
CA PRO A 197 -1.88 -11.46 10.06
C PRO A 197 -3.14 -10.61 9.93
N GLU A 198 -3.19 -9.44 10.56
CA GLU A 198 -4.43 -8.69 10.63
C GLU A 198 -4.84 -8.09 9.29
N TYR A 199 -4.00 -8.17 8.26
CA TYR A 199 -4.33 -7.62 6.95
C TYR A 199 -4.53 -8.68 5.88
N LEU A 200 -4.36 -9.96 6.22
CA LEU A 200 -4.52 -11.01 5.23
C LEU A 200 -6.00 -11.21 4.91
N ALA A 201 -6.28 -11.52 3.65
CA ALA A 201 -7.62 -11.84 3.20
C ALA A 201 -7.95 -13.30 3.51
N PRO A 202 -9.23 -13.65 3.57
CA PRO A 202 -9.57 -15.05 3.89
C PRO A 202 -9.12 -16.04 2.82
N GLU A 203 -9.13 -15.64 1.54
CA GLU A 203 -8.74 -16.57 0.48
C GLU A 203 -7.25 -16.88 0.51
N ILE A 204 -6.45 -16.04 1.16
CA ILE A 204 -5.03 -16.32 1.31
C ILE A 204 -4.79 -17.36 2.40
N LEU A 205 -5.71 -17.44 3.38
CA LEU A 205 -5.50 -18.33 4.51
C LEU A 205 -5.81 -19.79 4.17
N ASN A 206 -6.73 -20.05 3.26
CA ASN A 206 -7.01 -21.41 2.81
C ASN A 206 -6.37 -21.71 1.45
N TYR A 207 -5.47 -20.83 0.99
CA TYR A 207 -4.57 -21.09 -0.13
C TYR A 207 -5.23 -21.02 -1.49
N ASP A 208 -6.34 -20.30 -1.61
CA ASP A 208 -6.94 -20.09 -2.92
C ASP A 208 -6.00 -19.24 -3.78
N PRO A 209 -6.04 -19.41 -5.10
CA PRO A 209 -5.26 -18.52 -5.97
C PRO A 209 -5.65 -17.07 -5.78
N ILE A 210 -4.65 -16.19 -5.70
CA ILE A 210 -4.91 -14.78 -5.51
C ILE A 210 -5.67 -14.24 -6.71
N THR A 211 -6.48 -13.21 -6.46
CA THR A 211 -7.22 -12.54 -7.52
C THR A 211 -7.19 -11.04 -7.25
N THR A 212 -7.77 -10.27 -8.18
CA THR A 212 -7.91 -8.84 -7.97
C THR A 212 -8.81 -8.51 -6.80
N ALA A 213 -9.69 -9.43 -6.40
CA ALA A 213 -10.56 -9.21 -5.25
C ALA A 213 -9.78 -9.18 -3.94
N THR A 214 -8.57 -9.74 -3.92
CA THR A 214 -7.77 -9.68 -2.70
C THR A 214 -7.47 -8.24 -2.30
N ASP A 215 -7.22 -7.37 -3.28
CA ASP A 215 -6.96 -5.97 -2.99
C ASP A 215 -8.21 -5.26 -2.48
N MET A 216 -9.38 -5.66 -2.98
CA MET A 216 -10.62 -5.02 -2.55
C MET A 216 -10.91 -5.29 -1.08
N TRP A 217 -10.46 -6.43 -0.57
CA TRP A 217 -10.57 -6.70 0.86
C TRP A 217 -9.77 -5.69 1.66
N ASN A 218 -8.49 -5.50 1.32
CA ASN A 218 -7.66 -4.56 2.06
C ASN A 218 -8.16 -3.13 1.94
N ILE A 219 -8.90 -2.81 0.86
CA ILE A 219 -9.46 -1.47 0.74
C ILE A 219 -10.62 -1.30 1.72
N GLY A 220 -11.36 -2.37 1.99
CA GLY A 220 -12.36 -2.31 3.03
C GLY A 220 -11.76 -2.09 4.40
N ILE A 221 -10.63 -2.75 4.70
CA ILE A 221 -9.96 -2.55 5.97
C ILE A 221 -9.49 -1.10 6.12
N ILE A 222 -8.90 -0.55 5.05
CA ILE A 222 -8.39 0.81 5.13
C ILE A 222 -9.53 1.79 5.38
N ALA A 223 -10.67 1.61 4.70
CA ALA A 223 -11.81 2.49 4.92
C ALA A 223 -12.37 2.29 6.33
N TYR A 224 -12.46 1.05 6.78
CA TYR A 224 -12.89 0.78 8.15
C TYR A 224 -11.96 1.44 9.16
N MET A 225 -10.65 1.36 8.92
CA MET A 225 -9.69 1.89 9.87
C MET A 225 -9.66 3.42 9.87
N LEU A 226 -9.99 4.05 8.74
CA LEU A 226 -10.01 5.50 8.70
C LEU A 226 -11.24 6.06 9.42
N LEU A 227 -12.40 5.41 9.25
CA LEU A 227 -13.63 5.93 9.82
C LEU A 227 -13.73 5.63 11.31
N THR A 228 -13.36 4.41 11.72
CA THR A 228 -13.48 4.01 13.11
C THR A 228 -12.17 4.10 13.89
N HIS A 229 -11.03 4.27 13.20
CA HIS A 229 -9.73 4.33 13.87
C HIS A 229 -9.50 3.06 14.70
N THR A 230 -9.77 1.92 14.09
CA THR A 230 -9.68 0.64 14.77
C THR A 230 -9.35 -0.43 13.75
N SER A 231 -8.63 -1.46 14.19
CA SER A 231 -8.36 -2.61 13.34
C SER A 231 -9.59 -3.50 13.29
N PRO A 232 -10.09 -3.86 12.10
CA PRO A 232 -11.35 -4.61 12.04
C PRO A 232 -11.27 -6.06 12.47
N PHE A 233 -10.07 -6.67 12.50
CA PHE A 233 -9.96 -8.10 12.74
C PHE A 233 -8.97 -8.50 13.83
N VAL A 234 -8.12 -7.58 14.30
CA VAL A 234 -7.07 -7.96 15.25
C VAL A 234 -7.71 -8.44 16.55
N GLY A 235 -7.14 -9.51 17.11
CA GLY A 235 -7.70 -10.15 18.29
C GLY A 235 -6.71 -10.34 19.41
N GLU A 236 -7.11 -11.11 20.44
CA GLU A 236 -6.27 -11.23 21.63
C GLU A 236 -4.89 -11.77 21.28
N ASP A 237 -4.83 -12.73 20.36
CA ASP A 237 -3.57 -13.25 19.85
C ASP A 237 -3.75 -13.56 18.37
N ASN A 238 -2.64 -13.85 17.69
CA ASN A 238 -2.70 -14.09 16.25
C ASN A 238 -3.71 -15.18 15.91
N GLN A 239 -3.95 -16.13 16.81
CA GLN A 239 -4.85 -17.23 16.50
C GLN A 239 -6.28 -16.73 16.33
N GLU A 240 -6.76 -15.90 17.26
CA GLU A 240 -8.12 -15.35 17.11
C GLU A 240 -8.21 -14.44 15.90
N THR A 241 -7.14 -13.69 15.60
CA THR A 241 -7.15 -12.87 14.40
C THR A 241 -7.46 -13.72 13.17
N TYR A 242 -6.87 -14.90 13.08
CA TYR A 242 -7.15 -15.79 11.96
C TYR A 242 -8.60 -16.25 11.96
N LEU A 243 -9.14 -16.58 13.15
CA LEU A 243 -10.53 -17.00 13.23
C LEU A 243 -11.47 -15.87 12.83
N ASN A 244 -11.20 -14.65 13.29
CA ASN A 244 -12.03 -13.51 12.90
C ASN A 244 -12.03 -13.31 11.39
N ILE A 245 -10.85 -13.44 10.77
CA ILE A 245 -10.75 -13.26 9.33
C ILE A 245 -11.53 -14.34 8.60
N SER A 246 -11.29 -15.60 8.92
CA SER A 246 -11.94 -16.70 8.22
C SER A 246 -13.43 -16.79 8.54
N GLN A 247 -13.90 -16.10 9.57
CA GLN A 247 -15.34 -16.00 9.84
C GLN A 247 -15.89 -14.61 9.57
N VAL A 248 -15.05 -13.69 9.08
CA VAL A 248 -15.45 -12.31 8.82
C VAL A 248 -16.18 -11.78 10.04
N ASN A 249 -15.49 -11.74 11.18
CA ASN A 249 -16.08 -11.31 12.44
C ASN A 249 -15.70 -9.84 12.68
N VAL A 250 -16.35 -8.98 11.90
CA VAL A 250 -16.15 -7.54 12.03
C VAL A 250 -17.13 -6.99 13.05
N ASP A 251 -16.78 -5.84 13.64
CA ASP A 251 -17.63 -5.17 14.60
C ASP A 251 -18.35 -4.00 13.92
N TYR A 252 -19.65 -4.17 13.68
CA TYR A 252 -20.49 -3.10 13.16
C TYR A 252 -21.45 -2.57 14.23
N SER A 253 -21.06 -2.69 15.50
CA SER A 253 -21.92 -2.32 16.61
C SER A 253 -22.31 -0.85 16.54
N GLU A 254 -23.39 -0.51 17.25
CA GLU A 254 -23.86 0.87 17.26
C GLU A 254 -22.86 1.80 17.95
N GLU A 255 -22.16 1.31 18.98
CA GLU A 255 -21.21 2.15 19.70
C GLU A 255 -20.05 2.58 18.82
N THR A 256 -19.66 1.74 17.85
CA THR A 256 -18.54 2.06 16.98
C THR A 256 -18.97 2.89 15.77
N PHE A 257 -20.16 2.62 15.24
CA PHE A 257 -20.61 3.26 14.00
C PHE A 257 -21.66 4.34 14.23
N SER A 258 -21.82 4.82 15.47
CA SER A 258 -22.81 5.85 15.72
C SER A 258 -22.49 7.16 15.01
N SER A 259 -21.23 7.38 14.63
CA SER A 259 -20.81 8.59 13.95
C SER A 259 -20.34 8.33 12.53
N VAL A 260 -20.68 7.16 11.98
CA VAL A 260 -20.36 6.81 10.60
C VAL A 260 -21.67 6.70 9.84
N SER A 261 -21.71 7.26 8.63
CA SER A 261 -22.92 7.25 7.84
C SER A 261 -23.30 5.80 7.50
N GLN A 262 -24.52 5.64 6.98
CA GLN A 262 -24.97 4.32 6.54
C GLN A 262 -24.39 3.96 5.19
N LEU A 263 -24.22 4.95 4.30
CA LEU A 263 -23.59 4.69 3.01
C LEU A 263 -22.18 4.15 3.20
N ALA A 264 -21.45 4.66 4.19
CA ALA A 264 -20.11 4.15 4.45
C ALA A 264 -20.16 2.71 4.95
N THR A 265 -21.13 2.38 5.81
CA THR A 265 -21.24 1.01 6.28
C THR A 265 -21.58 0.07 5.13
N ASP A 266 -22.50 0.47 4.25
CA ASP A 266 -22.82 -0.35 3.09
C ASP A 266 -21.58 -0.58 2.23
N PHE A 267 -20.75 0.45 2.09
CA PHE A 267 -19.53 0.34 1.29
C PHE A 267 -18.56 -0.67 1.90
N ILE A 268 -18.35 -0.60 3.21
CA ILE A 268 -17.42 -1.51 3.87
C ILE A 268 -17.96 -2.94 3.84
N GLN A 269 -19.26 -3.11 4.11
CA GLN A 269 -19.84 -4.44 4.19
C GLN A 269 -19.91 -5.12 2.82
N SER A 270 -19.90 -4.35 1.73
CA SER A 270 -19.85 -4.94 0.41
C SER A 270 -18.47 -5.46 0.07
N LEU A 271 -17.42 -4.91 0.70
CA LEU A 271 -16.06 -5.34 0.43
C LEU A 271 -15.55 -6.39 1.39
N LEU A 272 -15.97 -6.35 2.66
CA LEU A 272 -15.50 -7.30 3.66
C LEU A 272 -16.37 -8.56 3.65
N VAL A 273 -16.44 -9.18 2.47
CA VAL A 273 -17.15 -10.42 2.25
C VAL A 273 -16.15 -11.55 2.17
N LYS A 274 -16.54 -12.74 2.63
CA LYS A 274 -15.62 -13.87 2.62
C LYS A 274 -15.37 -14.38 1.22
N ASN A 275 -16.41 -14.40 0.37
CA ASN A 275 -16.32 -14.96 -0.97
C ASN A 275 -15.74 -13.92 -1.93
N PRO A 276 -14.50 -14.08 -2.39
CA PRO A 276 -13.92 -13.05 -3.27
C PRO A 276 -14.74 -12.79 -4.52
N GLU A 277 -15.46 -13.79 -5.02
CA GLU A 277 -16.26 -13.61 -6.21
C GLU A 277 -17.37 -12.58 -6.02
N LYS A 278 -17.79 -12.34 -4.78
CA LYS A 278 -18.88 -11.41 -4.52
C LYS A 278 -18.41 -9.98 -4.32
N ARG A 279 -17.14 -9.77 -3.97
CA ARG A 279 -16.64 -8.42 -3.81
C ARG A 279 -16.72 -7.67 -5.14
N PRO A 280 -17.14 -6.42 -5.15
CA PRO A 280 -17.16 -5.65 -6.39
C PRO A 280 -15.75 -5.37 -6.89
N THR A 281 -15.66 -5.00 -8.16
CA THR A 281 -14.40 -4.60 -8.74
C THR A 281 -14.17 -3.12 -8.46
N ALA A 282 -12.93 -2.66 -8.70
CA ALA A 282 -12.61 -1.26 -8.51
C ALA A 282 -13.52 -0.36 -9.36
N GLU A 283 -13.87 -0.82 -10.56
CA GLU A 283 -14.74 -0.04 -11.43
C GLU A 283 -16.10 0.17 -10.78
N ILE A 284 -16.65 -0.87 -10.15
CA ILE A 284 -17.94 -0.75 -9.50
C ILE A 284 -17.84 0.15 -8.26
N CYS A 285 -16.78 -0.05 -7.45
CA CYS A 285 -16.66 0.71 -6.21
C CYS A 285 -16.60 2.21 -6.48
N LEU A 286 -15.97 2.61 -7.58
CA LEU A 286 -15.90 4.03 -7.92
C LEU A 286 -17.26 4.63 -8.22
N SER A 287 -18.31 3.81 -8.27
CA SER A 287 -19.66 4.29 -8.52
C SER A 287 -20.56 4.20 -7.29
N HIS A 288 -20.08 3.67 -6.17
CA HIS A 288 -20.91 3.54 -4.99
C HIS A 288 -21.45 4.90 -4.57
N SER A 289 -22.68 4.90 -4.06
CA SER A 289 -23.34 6.16 -3.71
C SER A 289 -22.53 6.98 -2.73
N TRP A 290 -21.74 6.32 -1.88
CA TRP A 290 -20.98 7.02 -0.85
C TRP A 290 -19.91 7.92 -1.45
N LEU A 291 -19.44 7.61 -2.65
CA LEU A 291 -18.37 8.37 -3.27
C LEU A 291 -18.88 9.45 -4.23
N GLN A 292 -20.20 9.68 -4.25
CA GLN A 292 -20.81 10.60 -5.21
C GLN A 292 -21.11 11.96 -4.59
N GLN A 293 -20.29 12.41 -3.65
CA GLN A 293 -20.44 13.75 -3.10
C GLN A 293 -19.91 14.78 -4.09
N TRP A 294 -20.65 15.86 -4.25
CA TRP A 294 -20.24 16.97 -5.11
C TRP A 294 -19.33 17.87 -4.29
N ASP A 295 -18.03 17.67 -4.42
CA ASP A 295 -17.05 18.54 -3.77
C ASP A 295 -16.87 19.81 -4.60
#